data_9HFB
#
_entry.id   9HFB
#
_cell.length_a   85.252
_cell.length_b   85.252
_cell.length_c   91.187
_cell.angle_alpha   90.00
_cell.angle_beta   90.00
_cell.angle_gamma   120.00
#
_symmetry.space_group_name_H-M   'P 31 2 1'
#
loop_
_entity.id
_entity.type
_entity.pdbx_description
1 polymer 'Telomeric repeat-binding factor 1'
2 non-polymer GLYCEROL
3 non-polymer [2-(morpholin-4-yl)phenyl]methanol
4 non-polymer 'DIMETHYL SULFOXIDE'
5 water water
#
_entity_poly.entity_id   1
_entity_poly.type   'polypeptide(L)'
_entity_poly.pdbx_seq_one_letter_code
;SNAQVQVGAPEEEEEEEEDAGLVAEAEAVAAGWMLDFLCLSLCRAFRDGRSEDFRRTRNSAEAIIHGLSSLTACQLRTIY
ICQFLTRIAAGKTLDAQFENDERITPLESALMIWGSIEKEHDKLHEEIQNLIKIQAIAVCMENGNFKEAEEVFERIFGDP
NSHMPFKSKLLMIISQKDTFHSFFQHFSYNHMMEKIKSYVNYVLSEKSSTFLMKAAAKVVESKR
;
_entity_poly.pdbx_strand_id   A
#
loop_
_chem_comp.id
_chem_comp.type
_chem_comp.name
_chem_comp.formula
DMS non-polymer 'DIMETHYL SULFOXIDE' 'C2 H6 O S'
GOL non-polymer GLYCEROL 'C3 H8 O3'
JP4 non-polymer [2-(morpholin-4-yl)phenyl]methanol 'C11 H15 N O2'
#
# COMPACT_ATOMS: atom_id res chain seq x y z
N GLU A 18 7.55 -25.21 32.60
CA GLU A 18 6.78 -24.55 31.53
C GLU A 18 6.62 -25.41 30.29
N ASP A 19 5.48 -25.23 29.58
CA ASP A 19 5.21 -25.98 28.36
C ASP A 19 5.68 -25.15 27.19
N ALA A 20 6.66 -25.64 26.45
CA ALA A 20 7.19 -24.93 25.28
C ALA A 20 6.12 -24.66 24.23
N GLY A 21 5.20 -25.61 24.06
CA GLY A 21 4.08 -25.48 23.12
C GLY A 21 3.17 -24.33 23.46
N LEU A 22 2.79 -24.21 24.76
CA LEU A 22 1.94 -23.12 25.25
C LEU A 22 2.68 -21.77 25.20
N VAL A 23 4.01 -21.77 25.38
CA VAL A 23 4.80 -20.55 25.27
C VAL A 23 4.80 -20.09 23.79
N ALA A 24 5.00 -21.03 22.85
CA ALA A 24 5.00 -20.75 21.42
C ALA A 24 3.63 -20.25 20.96
N GLU A 25 2.55 -20.80 21.53
CA GLU A 25 1.18 -20.36 21.22
C GLU A 25 0.96 -18.92 21.69
N ALA A 26 1.43 -18.57 22.90
CA ALA A 26 1.32 -17.23 23.46
C ALA A 26 2.09 -16.24 22.57
N GLU A 27 3.28 -16.64 22.11
CA GLU A 27 4.10 -15.82 21.22
C GLU A 27 3.43 -15.58 19.86
N ALA A 28 2.63 -16.54 19.37
CA ALA A 28 1.92 -16.41 18.10
C ALA A 28 0.72 -15.46 18.24
N VAL A 29 0.00 -15.52 19.40
CA VAL A 29 -1.11 -14.63 19.69
C VAL A 29 -0.59 -13.17 19.74
N ALA A 30 0.54 -12.95 20.44
CA ALA A 30 1.15 -11.63 20.56
C ALA A 30 1.63 -11.11 19.24
N ALA A 31 2.12 -11.99 18.36
CA ALA A 31 2.56 -11.59 17.02
C ALA A 31 1.35 -11.08 16.23
N GLY A 32 0.21 -11.76 16.35
CA GLY A 32 -1.04 -11.38 15.71
C GLY A 32 -1.50 -10.00 16.15
N TRP A 33 -1.39 -9.71 17.46
CA TRP A 33 -1.74 -8.42 18.05
C TRP A 33 -0.81 -7.32 17.56
N MET A 34 0.49 -7.60 17.50
CA MET A 34 1.49 -6.63 17.04
C MET A 34 1.30 -6.34 15.55
N LEU A 35 0.91 -7.34 14.76
CA LEU A 35 0.67 -7.15 13.33
C LEU A 35 -0.47 -6.15 13.11
N ASP A 36 -1.59 -6.31 13.81
CA ASP A 36 -2.71 -5.39 13.67
C ASP A 36 -2.32 -4.00 14.12
N PHE A 37 -1.55 -3.89 15.21
CA PHE A 37 -1.11 -2.60 15.72
C PHE A 37 -0.22 -1.90 14.70
N LEU A 38 0.75 -2.61 14.14
CA LEU A 38 1.66 -2.04 13.16
C LEU A 38 0.96 -1.70 11.86
N CYS A 39 -0.07 -2.45 11.47
CA CYS A 39 -0.84 -2.13 10.28
C CYS A 39 -1.57 -0.79 10.47
N LEU A 40 -2.21 -0.63 11.64
CA LEU A 40 -2.95 0.57 12.00
C LEU A 40 -2.00 1.78 12.05
N SER A 41 -0.80 1.58 12.56
CA SER A 41 0.21 2.63 12.63
C SER A 41 0.72 3.02 11.23
N LEU A 42 0.92 2.04 10.36
CA LEU A 42 1.38 2.26 8.98
C LEU A 42 0.32 3.05 8.21
N CYS A 43 -0.98 2.71 8.41
CA CYS A 43 -2.10 3.37 7.76
C CYS A 43 -2.15 4.86 8.16
N ARG A 44 -1.91 5.15 9.44
CA ARG A 44 -1.93 6.53 9.91
C ARG A 44 -0.76 7.32 9.35
N ALA A 45 0.45 6.74 9.34
CA ALA A 45 1.65 7.41 8.83
C ALA A 45 1.51 7.72 7.33
N PHE A 46 0.87 6.81 6.57
CA PHE A 46 0.60 6.97 5.15
C PHE A 46 -0.42 8.10 4.95
N ARG A 47 -1.48 8.13 5.76
CA ARG A 47 -2.48 9.19 5.68
C ARG A 47 -1.88 10.57 6.07
N ASP A 48 -1.05 10.58 7.10
CA ASP A 48 -0.47 11.82 7.61
C ASP A 48 0.74 12.34 6.80
N GLY A 49 1.30 11.52 5.93
CA GLY A 49 2.49 11.91 5.18
C GLY A 49 3.76 11.84 6.03
N ARG A 50 3.73 11.09 7.14
CA ARG A 50 4.89 10.96 8.01
C ARG A 50 5.80 9.85 7.49
N SER A 51 6.66 10.19 6.50
CA SER A 51 7.55 9.29 5.77
C SER A 51 8.52 8.45 6.59
N GLU A 52 9.23 9.07 7.55
CA GLU A 52 10.19 8.35 8.38
C GLU A 52 9.48 7.43 9.34
N ASP A 53 8.34 7.86 9.88
CA ASP A 53 7.51 7.04 10.77
C ASP A 53 6.99 5.83 9.96
N PHE A 54 6.55 6.06 8.69
CA PHE A 54 6.09 4.99 7.82
C PHE A 54 7.22 3.96 7.59
N ARG A 55 8.41 4.44 7.27
CA ARG A 55 9.58 3.60 7.05
C ARG A 55 9.89 2.76 8.30
N ARG A 56 9.87 3.37 9.50
CA ARG A 56 10.12 2.64 10.75
C ARG A 56 9.06 1.60 11.05
N THR A 57 7.77 1.95 10.91
CA THR A 57 6.67 1.03 11.14
C THR A 57 6.69 -0.13 10.13
N ARG A 58 7.05 0.15 8.87
CA ARG A 58 7.14 -0.84 7.82
C ARG A 58 8.22 -1.88 8.17
N ASN A 59 9.37 -1.41 8.64
CA ASN A 59 10.47 -2.29 9.03
C ASN A 59 10.04 -3.17 10.19
N SER A 60 9.31 -2.58 11.18
CA SER A 60 8.82 -3.34 12.31
C SER A 60 7.81 -4.41 11.88
N ALA A 61 6.83 -4.06 11.01
CA ALA A 61 5.83 -5.00 10.53
C ALA A 61 6.51 -6.15 9.78
N GLU A 62 7.49 -5.83 8.91
CA GLU A 62 8.24 -6.83 8.15
C GLU A 62 8.90 -7.83 9.09
N ALA A 63 9.49 -7.35 10.18
CA ALA A 63 10.19 -8.21 11.12
C ALA A 63 9.21 -9.12 11.90
N ILE A 64 8.09 -8.53 12.40
CA ILE A 64 7.08 -9.21 13.20
C ILE A 64 6.41 -10.36 12.45
N ILE A 65 6.16 -10.14 11.17
CA ILE A 65 5.52 -11.07 10.25
C ILE A 65 6.37 -12.37 10.09
N HIS A 66 7.66 -12.36 10.46
CA HIS A 66 8.48 -13.58 10.47
C HIS A 66 8.16 -14.52 11.66
N GLY A 67 7.50 -14.00 12.70
CA GLY A 67 7.09 -14.80 13.84
C GLY A 67 5.78 -15.56 13.64
N LEU A 68 5.21 -15.45 12.44
CA LEU A 68 4.00 -16.15 12.08
C LEU A 68 4.30 -17.05 10.89
N SER A 69 4.02 -18.35 11.00
CA SER A 69 4.22 -19.28 9.88
C SER A 69 2.88 -19.71 9.26
N SER A 70 1.78 -19.64 10.04
CA SER A 70 0.44 -19.92 9.58
C SER A 70 -0.39 -18.68 9.77
N LEU A 71 -1.02 -18.19 8.71
CA LEU A 71 -1.85 -16.99 8.82
C LEU A 71 -3.32 -17.26 8.49
N THR A 72 -4.22 -16.62 9.22
CA THR A 72 -5.64 -16.72 8.95
C THR A 72 -5.97 -15.86 7.70
N ALA A 73 -7.20 -15.97 7.17
CA ALA A 73 -7.63 -15.15 6.03
C ALA A 73 -7.53 -13.65 6.37
N CYS A 74 -7.89 -13.25 7.60
CA CYS A 74 -7.81 -11.85 8.02
C CYS A 74 -6.37 -11.35 8.12
N GLN A 75 -5.45 -12.20 8.63
CA GLN A 75 -4.02 -11.87 8.75
C GLN A 75 -3.35 -11.74 7.38
N LEU A 76 -3.76 -12.55 6.41
CA LEU A 76 -3.21 -12.49 5.05
C LEU A 76 -3.61 -11.18 4.43
N ARG A 77 -4.90 -10.80 4.53
CA ARG A 77 -5.40 -9.53 4.00
C ARG A 77 -4.63 -8.35 4.61
N THR A 78 -4.34 -8.42 5.92
CA THR A 78 -3.59 -7.41 6.64
C THR A 78 -2.16 -7.25 6.11
N ILE A 79 -1.42 -8.36 5.92
CA ILE A 79 -0.05 -8.25 5.43
C ILE A 79 -0.03 -7.75 3.98
N TYR A 80 -1.01 -8.14 3.17
CA TYR A 80 -1.07 -7.69 1.77
C TYR A 80 -1.39 -6.19 1.69
N ILE A 81 -2.20 -5.64 2.62
CA ILE A 81 -2.45 -4.20 2.68
C ILE A 81 -1.13 -3.50 3.03
N CYS A 82 -0.38 -4.06 4.00
CA CYS A 82 0.92 -3.49 4.37
C CYS A 82 1.92 -3.48 3.20
N GLN A 83 2.00 -4.58 2.42
CA GLN A 83 2.88 -4.71 1.25
C GLN A 83 2.44 -3.70 0.19
N PHE A 84 1.11 -3.57 -0.03
CA PHE A 84 0.54 -2.65 -1.01
C PHE A 84 0.96 -1.20 -0.69
N LEU A 85 0.73 -0.74 0.55
CA LEU A 85 1.09 0.61 0.94
C LEU A 85 2.58 0.87 0.84
N THR A 86 3.41 -0.18 1.02
CA THR A 86 4.87 -0.11 0.93
C THR A 86 5.31 0.20 -0.48
N ARG A 87 4.71 -0.46 -1.48
CA ARG A 87 5.03 -0.24 -2.90
C ARG A 87 4.56 1.11 -3.34
N ILE A 88 3.35 1.53 -2.93
CA ILE A 88 2.78 2.83 -3.25
C ILE A 88 3.70 3.91 -2.69
N ALA A 89 4.17 3.76 -1.44
CA ALA A 89 5.06 4.75 -0.83
C ALA A 89 6.41 4.83 -1.53
N ALA A 90 6.86 3.74 -2.12
CA ALA A 90 8.12 3.67 -2.87
C ALA A 90 7.94 4.00 -4.37
N GLY A 91 6.72 4.33 -4.81
CA GLY A 91 6.36 4.60 -6.20
C GLY A 91 7.30 5.44 -7.03
N LYS A 92 7.86 6.49 -6.43
CA LYS A 92 8.78 7.40 -7.12
C LYS A 92 10.26 7.14 -6.81
N THR A 93 10.59 6.13 -5.97
CA THR A 93 11.98 5.90 -5.57
C THR A 93 12.68 4.85 -6.44
N ASP A 101 15.43 -7.56 -8.91
CA ASP A 101 14.86 -8.73 -8.24
C ASP A 101 13.46 -9.09 -8.81
N GLU A 102 12.59 -8.10 -8.96
CA GLU A 102 11.25 -8.31 -9.50
C GLU A 102 11.17 -8.06 -11.03
N ARG A 103 12.09 -7.21 -11.56
CA ARG A 103 12.15 -6.84 -12.97
C ARG A 103 10.95 -5.97 -13.40
N ILE A 104 10.33 -5.27 -12.43
CA ILE A 104 9.20 -4.35 -12.60
C ILE A 104 9.41 -3.18 -11.59
N THR A 105 8.63 -2.11 -11.72
CA THR A 105 8.72 -0.97 -10.83
C THR A 105 7.82 -1.15 -9.58
N PRO A 106 8.06 -0.41 -8.48
CA PRO A 106 7.19 -0.54 -7.29
C PRO A 106 5.69 -0.36 -7.55
N LEU A 107 5.29 0.56 -8.45
CA LEU A 107 3.86 0.78 -8.74
C LEU A 107 3.27 -0.39 -9.53
N GLU A 108 4.06 -1.06 -10.38
CA GLU A 108 3.59 -2.26 -11.07
C GLU A 108 3.40 -3.42 -10.06
N SER A 109 4.21 -3.46 -9.01
CA SER A 109 4.14 -4.45 -7.94
C SER A 109 2.92 -4.18 -7.06
N ALA A 110 2.62 -2.90 -6.75
CA ALA A 110 1.43 -2.51 -6.00
C ALA A 110 0.17 -2.96 -6.77
N LEU A 111 0.18 -2.83 -8.11
CA LEU A 111 -0.90 -3.24 -8.99
C LEU A 111 -1.14 -4.76 -8.94
N MET A 112 -0.05 -5.55 -8.84
CA MET A 112 -0.16 -6.99 -8.72
C MET A 112 -0.75 -7.36 -7.36
N ILE A 113 -0.38 -6.63 -6.30
CA ILE A 113 -0.90 -6.93 -4.97
C ILE A 113 -2.37 -6.57 -4.92
N TRP A 114 -2.72 -5.37 -5.41
CA TRP A 114 -4.07 -4.82 -5.46
C TRP A 114 -5.06 -5.73 -6.17
N GLY A 115 -4.67 -6.30 -7.30
CA GLY A 115 -5.54 -7.20 -8.04
C GLY A 115 -5.68 -8.59 -7.43
N SER A 116 -4.89 -8.89 -6.39
CA SER A 116 -4.89 -10.20 -5.76
C SER A 116 -5.49 -10.23 -4.34
N ILE A 117 -5.60 -9.08 -3.65
CA ILE A 117 -6.16 -9.03 -2.30
C ILE A 117 -7.58 -9.59 -2.26
N GLU A 118 -7.93 -10.36 -1.21
CA GLU A 118 -9.29 -10.90 -1.02
C GLU A 118 -10.18 -9.74 -0.59
N LYS A 119 -10.62 -8.93 -1.56
CA LYS A 119 -11.44 -7.75 -1.34
C LYS A 119 -12.45 -7.55 -2.48
N GLU A 120 -13.47 -6.69 -2.26
CA GLU A 120 -14.50 -6.42 -3.26
C GLU A 120 -13.94 -5.55 -4.38
N HIS A 121 -14.32 -5.87 -5.63
CA HIS A 121 -13.93 -5.07 -6.78
C HIS A 121 -15.06 -4.09 -7.09
N ASP A 122 -15.16 -3.06 -6.25
CA ASP A 122 -16.17 -2.00 -6.36
C ASP A 122 -15.65 -0.81 -7.23
N LYS A 123 -16.39 0.32 -7.27
CA LYS A 123 -16.00 1.50 -8.02
C LYS A 123 -14.66 2.03 -7.54
N LEU A 124 -14.47 2.08 -6.20
CA LEU A 124 -13.22 2.57 -5.59
C LEU A 124 -12.02 1.69 -5.97
N HIS A 125 -12.20 0.35 -5.98
CA HIS A 125 -11.12 -0.59 -6.34
C HIS A 125 -10.69 -0.33 -7.77
N GLU A 126 -11.66 -0.20 -8.67
CA GLU A 126 -11.46 0.06 -10.08
C GLU A 126 -10.75 1.40 -10.33
N GLU A 127 -11.19 2.50 -9.64
CA GLU A 127 -10.54 3.79 -9.87
C GLU A 127 -9.13 3.82 -9.28
N ILE A 128 -8.85 3.10 -8.18
CA ILE A 128 -7.49 3.00 -7.63
C ILE A 128 -6.60 2.22 -8.61
N GLN A 129 -7.11 1.11 -9.15
CA GLN A 129 -6.40 0.31 -10.12
C GLN A 129 -5.95 1.11 -11.35
N ASN A 130 -6.87 1.86 -11.98
CA ASN A 130 -6.57 2.65 -13.15
C ASN A 130 -5.63 3.82 -12.89
N LEU A 131 -5.74 4.43 -11.70
CA LEU A 131 -4.84 5.51 -11.33
C LEU A 131 -3.42 4.98 -11.17
N ILE A 132 -3.25 3.75 -10.62
CA ILE A 132 -1.92 3.15 -10.45
C ILE A 132 -1.34 2.80 -11.83
N LYS A 133 -2.15 2.23 -12.74
CA LYS A 133 -1.70 1.87 -14.09
C LYS A 133 -1.10 3.07 -14.84
N ILE A 134 -1.75 4.24 -14.74
CA ILE A 134 -1.28 5.43 -15.41
C ILE A 134 -0.12 6.07 -14.67
N GLN A 135 -0.16 6.06 -13.33
CA GLN A 135 0.94 6.61 -12.56
C GLN A 135 2.20 5.79 -12.65
N ALA A 136 2.11 4.46 -12.90
CA ALA A 136 3.29 3.63 -13.07
C ALA A 136 4.11 4.09 -14.29
N ILE A 137 3.42 4.61 -15.33
CA ILE A 137 4.04 5.21 -16.51
C ILE A 137 4.50 6.65 -16.21
N ALA A 138 3.60 7.49 -15.66
CA ALA A 138 3.90 8.90 -15.40
C ALA A 138 5.05 9.14 -14.42
N VAL A 139 5.27 8.29 -13.42
CA VAL A 139 6.38 8.51 -12.48
C VAL A 139 7.74 8.35 -13.20
N CYS A 140 7.81 7.49 -14.23
CA CYS A 140 9.02 7.28 -15.02
C CYS A 140 9.30 8.50 -15.87
N MET A 141 8.24 9.10 -16.46
CA MET A 141 8.32 10.32 -17.25
C MET A 141 8.74 11.48 -16.36
N GLU A 142 8.24 11.54 -15.11
CA GLU A 142 8.62 12.59 -14.16
C GLU A 142 10.12 12.50 -13.84
N ASN A 143 10.63 11.28 -13.70
CA ASN A 143 12.04 11.03 -13.44
C ASN A 143 12.96 11.18 -14.67
N GLY A 144 12.39 11.40 -15.85
CA GLY A 144 13.16 11.57 -17.08
C GLY A 144 13.55 10.28 -17.78
N ASN A 145 12.99 9.14 -17.35
CA ASN A 145 13.27 7.85 -17.99
C ASN A 145 12.12 7.45 -18.89
N PHE A 146 12.13 7.95 -20.13
CA PHE A 146 11.07 7.68 -21.10
C PHE A 146 11.15 6.31 -21.71
N LYS A 147 12.36 5.72 -21.79
CA LYS A 147 12.53 4.36 -22.25
C LYS A 147 11.85 3.41 -21.23
N GLU A 148 12.01 3.69 -19.93
CA GLU A 148 11.40 2.90 -18.87
C GLU A 148 9.91 3.05 -18.86
N ALA A 149 9.41 4.24 -19.15
CA ALA A 149 7.98 4.53 -19.25
C ALA A 149 7.35 3.65 -20.35
N GLU A 150 8.07 3.46 -21.48
CA GLU A 150 7.63 2.61 -22.59
C GLU A 150 7.64 1.15 -22.20
N GLU A 151 8.65 0.72 -21.41
CA GLU A 151 8.72 -0.66 -20.95
C GLU A 151 7.58 -0.95 -19.96
N VAL A 152 7.25 0.01 -19.10
CA VAL A 152 6.16 -0.14 -18.13
C VAL A 152 4.83 -0.22 -18.90
N PHE A 153 4.64 0.64 -19.92
CA PHE A 153 3.43 0.65 -20.73
C PHE A 153 3.23 -0.70 -21.42
N GLU A 154 4.32 -1.28 -21.98
CA GLU A 154 4.23 -2.57 -22.67
C GLU A 154 3.85 -3.69 -21.71
N ARG A 155 4.38 -3.67 -20.48
CA ARG A 155 4.05 -4.69 -19.49
C ARG A 155 2.59 -4.58 -18.98
N ILE A 156 2.09 -3.37 -18.73
CA ILE A 156 0.71 -3.17 -18.24
C ILE A 156 -0.34 -3.32 -19.36
N PHE A 157 -0.12 -2.65 -20.48
CA PHE A 157 -1.03 -2.65 -21.63
C PHE A 157 -0.40 -3.45 -22.76
N PRO A 165 -7.53 2.28 -29.62
CA PRO A 165 -7.13 3.69 -29.82
C PRO A 165 -6.61 4.36 -28.55
N PHE A 166 -7.08 3.92 -27.39
CA PHE A 166 -6.64 4.48 -26.12
C PHE A 166 -5.14 4.16 -25.88
N LYS A 167 -4.74 2.92 -26.18
CA LYS A 167 -3.37 2.49 -26.00
C LYS A 167 -2.43 3.26 -26.94
N SER A 168 -2.84 3.48 -28.20
N SER A 168 -2.85 3.47 -28.20
CA SER A 168 -2.02 4.22 -29.17
CA SER A 168 -2.06 4.22 -29.20
C SER A 168 -1.89 5.69 -28.80
C SER A 168 -1.89 5.68 -28.81
N LYS A 169 -2.91 6.28 -28.16
CA LYS A 169 -2.85 7.68 -27.72
C LYS A 169 -1.88 7.78 -26.55
N LEU A 170 -2.00 6.84 -25.59
CA LEU A 170 -1.13 6.75 -24.42
C LEU A 170 0.33 6.53 -24.85
N LEU A 171 0.57 5.69 -25.86
CA LEU A 171 1.90 5.45 -26.39
C LEU A 171 2.48 6.71 -27.12
N MET A 172 1.65 7.50 -27.81
CA MET A 172 2.13 8.73 -28.46
C MET A 172 2.50 9.79 -27.43
N ILE A 173 1.74 9.88 -26.34
CA ILE A 173 1.99 10.80 -25.21
C ILE A 173 3.39 10.53 -24.63
N ILE A 174 3.72 9.24 -24.34
CA ILE A 174 5.02 8.84 -23.81
C ILE A 174 6.13 9.16 -24.82
N SER A 175 5.91 8.81 -26.09
CA SER A 175 6.84 9.01 -27.18
C SER A 175 7.16 10.50 -27.42
N GLN A 176 6.18 11.36 -27.21
CA GLN A 176 6.36 12.80 -27.37
C GLN A 176 6.78 13.51 -26.05
N LYS A 177 7.02 12.75 -24.96
CA LYS A 177 7.41 13.27 -23.66
C LYS A 177 6.41 14.32 -23.18
N ASP A 178 5.11 14.04 -23.41
CA ASP A 178 4.01 14.94 -23.08
C ASP A 178 3.54 14.66 -21.65
N THR A 179 4.44 14.87 -20.70
CA THR A 179 4.23 14.57 -19.29
C THR A 179 3.02 15.29 -18.69
N PHE A 180 2.78 16.51 -19.13
CA PHE A 180 1.70 17.33 -18.59
C PHE A 180 0.44 17.33 -19.45
N HIS A 181 0.24 16.29 -20.30
CA HIS A 181 -0.96 16.11 -21.13
C HIS A 181 -2.19 16.10 -20.19
N SER A 182 -3.33 16.64 -20.65
CA SER A 182 -4.54 16.72 -19.83
C SER A 182 -4.97 15.37 -19.23
N PHE A 183 -4.72 14.26 -19.93
CA PHE A 183 -5.04 12.89 -19.48
C PHE A 183 -4.24 12.58 -18.23
N PHE A 184 -2.94 12.88 -18.26
CA PHE A 184 -2.04 12.70 -17.13
C PHE A 184 -2.38 13.59 -15.96
N GLN A 185 -3.00 14.74 -16.22
CA GLN A 185 -3.43 15.67 -15.19
C GLN A 185 -4.73 15.17 -14.53
N HIS A 186 -5.61 14.48 -15.27
CA HIS A 186 -6.82 13.92 -14.66
C HIS A 186 -6.43 12.65 -13.87
N PHE A 187 -5.59 11.77 -14.46
CA PHE A 187 -5.14 10.56 -13.75
C PHE A 187 -3.79 10.87 -13.11
N SER A 188 -3.78 11.88 -12.23
CA SER A 188 -2.61 12.39 -11.56
C SER A 188 -2.16 11.59 -10.35
N TYR A 189 -0.97 11.92 -9.84
CA TYR A 189 -0.39 11.29 -8.70
C TYR A 189 -1.17 11.65 -7.46
N ASN A 190 -1.50 12.95 -7.30
CA ASN A 190 -2.28 13.47 -6.19
C ASN A 190 -3.66 12.80 -6.15
N HIS A 191 -4.29 12.59 -7.32
CA HIS A 191 -5.59 11.91 -7.37
C HIS A 191 -5.47 10.47 -6.95
N MET A 192 -4.37 9.80 -7.35
CA MET A 192 -4.09 8.43 -6.96
C MET A 192 -3.93 8.36 -5.43
N MET A 193 -3.12 9.26 -4.85
CA MET A 193 -2.92 9.33 -3.42
C MET A 193 -4.23 9.60 -2.65
N GLU A 194 -5.05 10.56 -3.10
CA GLU A 194 -6.34 10.85 -2.44
C GLU A 194 -7.25 9.61 -2.41
N LYS A 195 -7.35 8.89 -3.54
CA LYS A 195 -8.19 7.70 -3.65
C LYS A 195 -7.68 6.59 -2.76
N ILE A 196 -6.36 6.38 -2.72
CA ILE A 196 -5.76 5.35 -1.86
C ILE A 196 -5.96 5.73 -0.40
N LYS A 197 -5.82 7.01 -0.04
CA LYS A 197 -6.04 7.49 1.31
C LYS A 197 -7.48 7.29 1.77
N SER A 198 -8.47 7.40 0.85
N SER A 198 -8.47 7.40 0.87
CA SER A 198 -9.87 7.13 1.22
CA SER A 198 -9.86 7.16 1.24
C SER A 198 -10.03 5.65 1.57
C SER A 198 -10.08 5.65 1.54
N TYR A 199 -9.35 4.76 0.84
CA TYR A 199 -9.41 3.33 1.11
C TYR A 199 -8.72 3.04 2.46
N VAL A 200 -7.59 3.70 2.72
CA VAL A 200 -6.83 3.57 3.97
C VAL A 200 -7.67 3.99 5.18
N ASN A 201 -8.58 4.97 5.01
CA ASN A 201 -9.46 5.41 6.09
C ASN A 201 -10.45 4.30 6.51
N TYR A 202 -10.86 3.45 5.55
CA TYR A 202 -11.78 2.35 5.88
C TYR A 202 -11.00 1.28 6.68
N VAL A 203 -9.76 0.98 6.25
CA VAL A 203 -8.88 0.04 6.93
C VAL A 203 -8.59 0.54 8.33
N LEU A 204 -8.29 1.82 8.46
CA LEU A 204 -8.01 2.50 9.73
C LEU A 204 -9.23 2.39 10.67
N SER A 205 -10.44 2.59 10.14
CA SER A 205 -11.65 2.47 10.94
C SER A 205 -11.84 1.02 11.42
N GLU A 206 -11.68 0.05 10.50
CA GLU A 206 -11.84 -1.38 10.78
C GLU A 206 -10.90 -1.93 11.86
N LYS A 207 -9.68 -1.38 11.96
CA LYS A 207 -8.67 -1.83 12.92
C LYS A 207 -8.44 -0.90 14.11
N SER A 208 -9.12 0.27 14.15
CA SER A 208 -9.01 1.29 15.20
C SER A 208 -9.19 0.75 16.61
N SER A 209 -10.00 -0.31 16.74
CA SER A 209 -10.34 -0.94 18.00
C SER A 209 -9.55 -2.22 18.37
N THR A 210 -8.54 -2.63 17.56
CA THR A 210 -7.77 -3.85 17.86
C THR A 210 -7.14 -3.82 19.26
N PHE A 211 -6.91 -5.00 19.85
CA PHE A 211 -6.44 -5.17 21.22
C PHE A 211 -5.31 -4.23 21.66
N LEU A 212 -4.18 -4.27 20.97
CA LEU A 212 -3.01 -3.51 21.38
C LEU A 212 -3.24 -2.00 21.39
N MET A 213 -3.83 -1.42 20.33
CA MET A 213 -4.09 0.03 20.30
C MET A 213 -5.14 0.44 21.32
N LYS A 214 -6.17 -0.37 21.50
CA LYS A 214 -7.24 -0.08 22.45
C LYS A 214 -6.70 -0.07 23.88
N ALA A 215 -5.80 -1.00 24.22
CA ALA A 215 -5.21 -1.05 25.56
C ALA A 215 -4.25 0.12 25.76
N ALA A 216 -3.44 0.43 24.75
CA ALA A 216 -2.50 1.56 24.80
C ALA A 216 -3.24 2.89 24.98
N ALA A 217 -4.40 3.07 24.34
CA ALA A 217 -5.17 4.30 24.47
C ALA A 217 -5.71 4.47 25.88
N LYS A 218 -6.11 3.36 26.53
CA LYS A 218 -6.62 3.40 27.89
C LYS A 218 -5.56 3.89 28.88
N VAL A 219 -4.30 3.47 28.69
CA VAL A 219 -3.21 3.88 29.56
C VAL A 219 -2.95 5.38 29.41
N VAL A 220 -2.95 5.87 28.15
CA VAL A 220 -2.77 7.28 27.84
C VAL A 220 -3.91 8.13 28.42
N GLU A 221 -5.18 7.71 28.20
CA GLU A 221 -6.35 8.43 28.73
C GLU A 221 -6.40 8.45 30.25
N SER A 222 -5.84 7.41 30.91
N SER A 222 -5.84 7.42 30.91
CA SER A 222 -5.83 7.36 32.38
CA SER A 222 -5.82 7.35 32.37
C SER A 222 -4.79 8.33 32.98
C SER A 222 -4.78 8.32 32.98
N LYS A 223 -3.74 8.69 32.23
CA LYS A 223 -2.72 9.61 32.71
C LYS A 223 -3.20 11.07 32.58
N ARG A 224 -3.80 11.40 31.42
CA ARG A 224 -4.32 12.74 31.13
C1 GOL B . 4.60 7.95 3.38
O1 GOL B . 5.91 7.68 2.90
C2 GOL B . 3.82 8.78 2.38
O2 GOL B . 3.82 8.14 1.09
C3 GOL B . 2.39 9.02 2.82
O3 GOL B . 1.61 9.59 1.78
C10 JP4 C . 6.49 -5.72 1.42
C13 JP4 C . 8.56 -7.59 1.51
C01 JP4 C . 4.96 -4.68 6.08
C02 JP4 C . 5.40 -3.87 5.07
C03 JP4 C . 6.01 -4.42 3.96
C04 JP4 C . 6.23 -5.80 3.88
C05 JP4 C . 5.73 -6.64 4.89
C06 JP4 C . 5.13 -6.04 6.00
C07 JP4 C . 5.95 -8.14 4.90
O08 JP4 C . 5.76 -8.76 3.64
N09 JP4 C . 6.82 -6.35 2.70
C11 JP4 C . 6.74 -6.71 0.30
O12 JP4 C . 7.39 -7.90 0.77
C14 JP4 C . 8.24 -6.75 2.73
S DMS D . 10.88 5.23 -10.91
O DMS D . 11.39 5.84 -12.19
C1 DMS D . 12.14 4.06 -10.33
C2 DMS D . 9.71 3.94 -11.36
S DMS E . -8.11 3.63 -17.97
O DMS E . -8.47 2.93 -19.25
C1 DMS E . -7.74 5.36 -18.37
C2 DMS E . -6.42 3.11 -17.54
#